data_8OXL
#
_entry.id   8OXL
#
_cell.length_a   57.552
_cell.length_b   57.552
_cell.length_c   121.638
_cell.angle_alpha   90.000
_cell.angle_beta   90.000
_cell.angle_gamma   90.000
#
_symmetry.space_group_name_H-M   'P 41 21 2'
#
loop_
_entity.id
_entity.type
_entity.pdbx_description
1 polymer AVRA7
2 water water
#
_entity_poly.entity_id   1
_entity_poly.type   'polypeptide(L)'
_entity_poly.pdbx_seq_one_letter_code
;AAMADPYFECSMNTAVSFSGIIFYEQSHEYLDAEPGDPEGPNGEIYPARRFTRVRRDGSDVLILIQSLDEYPLRRAYEKT
EQGWRLCPFHKP
;
_entity_poly.pdbx_strand_id   B,A
#
# COMPACT_ATOMS: atom_id res chain seq x y z
N ALA A 1 0.84 23.46 -17.32
CA ALA A 1 0.28 22.12 -17.68
C ALA A 1 0.96 20.93 -16.96
N ALA A 2 0.19 19.94 -16.49
CA ALA A 2 0.72 18.68 -15.98
C ALA A 2 0.12 17.54 -16.80
N MET A 3 0.75 16.37 -16.80
CA MET A 3 0.19 15.20 -17.47
C MET A 3 0.08 14.05 -16.47
N ALA A 4 -1.13 13.54 -16.30
CA ALA A 4 -1.26 12.39 -15.41
C ALA A 4 -0.44 11.21 -15.91
N ASP A 5 0.32 10.59 -15.01
CA ASP A 5 1.10 9.42 -15.42
C ASP A 5 1.44 8.54 -14.23
N PRO A 6 0.46 8.01 -13.51
CA PRO A 6 0.75 7.22 -12.30
C PRO A 6 1.51 5.94 -12.65
N TYR A 7 2.28 5.46 -11.67
CA TYR A 7 3.08 4.27 -11.89
C TYR A 7 3.40 3.58 -10.59
N PHE A 8 3.76 2.31 -10.70
CA PHE A 8 4.30 1.55 -9.59
C PHE A 8 5.79 1.40 -9.82
N GLU A 9 6.58 1.65 -8.80
CA GLU A 9 8.03 1.61 -8.95
C GLU A 9 8.66 0.44 -8.20
N CYS A 10 9.22 -0.50 -8.96
CA CYS A 10 10.04 -1.56 -8.43
C CYS A 10 11.50 -1.14 -8.35
N SER A 11 12.32 -2.03 -7.79
CA SER A 11 13.72 -1.70 -7.55
C SER A 11 14.44 -1.41 -8.87
N MET A 12 15.57 -0.70 -8.76
CA MET A 12 16.32 -0.19 -9.90
C MET A 12 15.50 0.78 -10.73
N ASN A 13 14.62 1.52 -10.08
CA ASN A 13 13.80 2.51 -10.74
C ASN A 13 13.04 1.88 -11.92
N THR A 14 12.47 0.69 -11.68
CA THR A 14 11.75 -0.05 -12.72
C THR A 14 10.26 0.25 -12.61
N ALA A 15 9.77 1.14 -13.47
CA ALA A 15 8.42 1.69 -13.37
C ALA A 15 7.44 0.84 -14.18
N VAL A 16 6.30 0.51 -13.58
CA VAL A 16 5.21 -0.17 -14.28
C VAL A 16 4.09 0.83 -14.38
N SER A 17 3.71 1.23 -15.60
CA SER A 17 2.75 2.35 -15.68
C SER A 17 1.33 1.90 -15.38
N PHE A 18 0.63 2.72 -14.61
CA PHE A 18 -0.77 2.50 -14.29
C PHE A 18 -1.60 2.52 -15.57
N SER A 19 -1.28 3.45 -16.48
CA SER A 19 -1.97 3.50 -17.77
C SER A 19 -1.78 2.23 -18.57
N GLY A 20 -0.58 1.67 -18.56
CA GLY A 20 -0.33 0.43 -19.29
C GLY A 20 -1.10 -0.72 -18.70
N ILE A 21 -1.23 -0.72 -17.37
CA ILE A 21 -2.06 -1.74 -16.71
C ILE A 21 -3.51 -1.62 -17.15
N ILE A 22 -4.04 -0.38 -17.20
CA ILE A 22 -5.44 -0.25 -17.65
C ILE A 22 -5.62 -0.82 -19.06
N PHE A 23 -4.69 -0.51 -19.99
CA PHE A 23 -4.80 -1.07 -21.33
C PHE A 23 -4.76 -2.61 -21.32
N TYR A 24 -3.86 -3.16 -20.52
CA TYR A 24 -3.75 -4.60 -20.42
C TYR A 24 -5.04 -5.21 -19.92
N GLU A 25 -5.68 -4.57 -18.95
CA GLU A 25 -6.93 -5.10 -18.41
C GLU A 25 -8.01 -5.15 -19.46
N GLN A 26 -7.96 -4.29 -20.48
CA GLN A 26 -9.05 -4.33 -21.45
C GLN A 26 -9.06 -5.61 -22.24
N SER A 27 -7.95 -6.31 -22.33
CA SER A 27 -7.89 -7.50 -23.15
C SER A 27 -7.41 -8.74 -22.42
N HIS A 28 -7.07 -8.63 -21.14
CA HIS A 28 -6.74 -9.81 -20.36
C HIS A 28 -7.47 -9.75 -19.00
N GLU A 29 -8.03 -10.89 -18.61
CA GLU A 29 -8.65 -10.98 -17.30
C GLU A 29 -7.63 -11.36 -16.22
N TYR A 30 -7.87 -10.90 -14.99
CA TYR A 30 -7.08 -11.38 -13.87
C TYR A 30 -7.39 -12.86 -13.59
N LEU A 31 -6.39 -13.60 -13.06
CA LEU A 31 -6.49 -15.04 -12.87
C LEU A 31 -6.48 -15.34 -11.38
N ASP A 32 -6.85 -16.58 -11.01
CA ASP A 32 -6.85 -16.98 -9.62
C ASP A 32 -5.44 -16.79 -9.04
N ALA A 33 -5.41 -16.42 -7.77
CA ALA A 33 -4.16 -16.30 -7.03
C ALA A 33 -3.41 -17.63 -7.04
N GLU A 34 -2.15 -17.53 -7.00
CA GLU A 34 -1.29 -18.70 -6.89
C GLU A 34 -0.82 -18.82 -5.45
N PRO A 35 -0.47 -20.03 -4.97
CA PRO A 35 0.01 -20.16 -3.59
C PRO A 35 1.18 -19.23 -3.30
N GLY A 36 1.16 -18.63 -2.11
CA GLY A 36 2.18 -17.72 -1.64
C GLY A 36 2.00 -16.28 -2.08
N ASP A 37 1.01 -16.01 -2.94
CA ASP A 37 0.76 -14.62 -3.30
C ASP A 37 0.37 -13.83 -2.06
N PRO A 38 0.74 -12.55 -2.00
CA PRO A 38 0.36 -11.73 -0.83
C PRO A 38 -1.13 -11.68 -0.60
N GLU A 39 -1.52 -11.83 0.66
CA GLU A 39 -2.92 -11.74 1.03
C GLU A 39 -3.29 -10.31 1.41
N GLY A 40 -4.60 -10.07 1.54
CA GLY A 40 -5.07 -8.79 2.03
C GLY A 40 -5.00 -8.67 3.53
N PRO A 41 -5.42 -7.50 4.04
CA PRO A 41 -5.20 -7.20 5.48
C PRO A 41 -6.05 -7.98 6.42
N ASN A 42 -7.13 -8.56 5.91
CA ASN A 42 -7.97 -9.46 6.69
C ASN A 42 -7.92 -10.90 6.15
N GLY A 43 -6.90 -11.23 5.37
CA GLY A 43 -6.74 -12.55 4.78
C GLY A 43 -7.35 -12.74 3.40
N GLU A 44 -7.75 -11.66 2.74
CA GLU A 44 -8.38 -11.76 1.43
C GLU A 44 -7.43 -12.36 0.40
N ILE A 45 -7.97 -13.16 -0.51
CA ILE A 45 -7.22 -13.72 -1.63
C ILE A 45 -7.61 -12.98 -2.90
N TYR A 46 -6.62 -12.41 -3.59
CA TYR A 46 -6.89 -11.54 -4.70
C TYR A 46 -6.56 -12.17 -6.04
N PRO A 47 -7.37 -11.92 -7.06
CA PRO A 47 -6.95 -12.25 -8.42
C PRO A 47 -5.75 -11.43 -8.84
N ALA A 48 -5.00 -11.96 -9.80
CA ALA A 48 -3.74 -11.31 -10.14
C ALA A 48 -3.26 -11.77 -11.49
N ARG A 49 -2.30 -11.04 -12.03
CA ARG A 49 -1.56 -11.48 -13.19
C ARG A 49 -0.08 -11.31 -12.88
N ARG A 50 0.78 -12.13 -13.47
CA ARG A 50 2.22 -11.97 -13.26
C ARG A 50 2.93 -11.99 -14.60
N PHE A 51 4.04 -11.28 -14.65
CA PHE A 51 4.80 -11.25 -15.88
C PHE A 51 6.27 -10.92 -15.66
N THR A 52 7.06 -11.15 -16.70
CA THR A 52 8.48 -10.86 -16.63
C THR A 52 8.76 -9.53 -17.32
N ARG A 53 9.62 -8.74 -16.70
CA ARG A 53 10.07 -7.47 -17.24
C ARG A 53 11.60 -7.44 -17.32
N VAL A 54 12.14 -6.99 -18.45
CA VAL A 54 13.58 -6.76 -18.57
C VAL A 54 13.89 -5.35 -18.08
N ARG A 55 14.88 -5.23 -17.21
CA ARG A 55 15.18 -3.98 -16.53
C ARG A 55 16.25 -3.25 -17.34
N ARG A 56 16.55 -2.00 -16.94
CA ARG A 56 17.46 -1.21 -17.78
C ARG A 56 18.83 -1.83 -17.88
N ASP A 57 19.26 -2.52 -16.83
CA ASP A 57 20.59 -3.10 -16.84
C ASP A 57 20.65 -4.43 -17.56
N GLY A 58 19.54 -4.90 -18.10
CA GLY A 58 19.53 -6.16 -18.81
C GLY A 58 19.08 -7.34 -17.98
N SER A 59 18.91 -7.18 -16.66
CA SER A 59 18.38 -8.27 -15.84
C SER A 59 16.86 -8.32 -15.96
N ASP A 60 16.29 -9.45 -15.53
CA ASP A 60 14.87 -9.75 -15.57
C ASP A 60 14.31 -9.70 -14.16
N VAL A 61 13.04 -9.32 -14.06
CA VAL A 61 12.31 -9.37 -12.79
C VAL A 61 10.89 -9.89 -13.01
N LEU A 62 10.38 -10.65 -12.03
CA LEU A 62 9.00 -11.11 -12.06
C LEU A 62 8.14 -10.15 -11.26
N ILE A 63 7.09 -9.62 -11.89
CA ILE A 63 6.20 -8.60 -11.34
C ILE A 63 4.78 -9.19 -11.23
N LEU A 64 4.16 -9.00 -10.09
CA LEU A 64 2.81 -9.46 -9.77
C LEU A 64 1.91 -8.24 -9.67
N ILE A 65 0.80 -8.24 -10.39
CA ILE A 65 -0.21 -7.19 -10.30
C ILE A 65 -1.46 -7.82 -9.72
N GLN A 66 -1.88 -7.36 -8.54
CA GLN A 66 -3.12 -7.84 -7.92
C GLN A 66 -4.24 -6.83 -8.11
N SER A 67 -5.45 -7.35 -8.29
CA SER A 67 -6.67 -6.58 -8.39
C SER A 67 -7.38 -6.62 -7.04
N LEU A 68 -7.62 -5.45 -6.44
CA LEU A 68 -8.25 -5.44 -5.12
C LEU A 68 -9.05 -4.14 -4.88
N ASP A 69 -9.87 -4.13 -3.83
CA ASP A 69 -10.77 -2.99 -3.60
C ASP A 69 -10.12 -1.79 -2.91
N GLU A 70 -8.84 -1.85 -2.57
CA GLU A 70 -8.08 -0.73 -2.06
C GLU A 70 -7.67 0.18 -3.21
N TYR A 71 -7.78 1.49 -3.01
CA TYR A 71 -7.27 2.45 -3.96
C TYR A 71 -5.79 2.17 -4.23
N PRO A 72 -5.34 2.22 -5.50
CA PRO A 72 -5.98 2.60 -6.75
C PRO A 72 -6.55 1.41 -7.52
N LEU A 73 -6.95 0.37 -6.78
CA LEU A 73 -7.64 -0.82 -7.22
C LEU A 73 -6.68 -1.84 -7.86
N ARG A 74 -5.35 -1.56 -7.88
CA ARG A 74 -4.32 -2.53 -8.25
C ARG A 74 -3.17 -2.29 -7.28
N ARG A 75 -2.40 -3.34 -7.01
CA ARG A 75 -1.12 -3.14 -6.35
C ARG A 75 -0.10 -4.08 -6.95
N ALA A 76 1.16 -3.74 -6.78
CA ALA A 76 2.23 -4.45 -7.49
C ALA A 76 3.32 -4.90 -6.55
N TYR A 77 3.86 -6.08 -6.85
CA TYR A 77 4.98 -6.65 -6.11
C TYR A 77 6.03 -7.14 -7.10
N GLU A 78 7.28 -7.20 -6.66
CA GLU A 78 8.31 -7.86 -7.42
C GLU A 78 8.82 -9.05 -6.61
N LYS A 79 9.18 -10.14 -7.29
CA LYS A 79 9.68 -11.33 -6.61
C LYS A 79 11.16 -11.14 -6.31
N THR A 80 11.51 -11.35 -5.06
CA THR A 80 12.78 -10.97 -4.56
C THR A 80 13.26 -12.09 -3.77
N GLU A 81 14.07 -11.54 -2.77
CA GLU A 81 15.48 -12.08 -2.78
C GLU A 81 15.25 -13.44 -2.57
N GLN A 82 14.03 -13.72 -2.06
CA GLN A 82 13.77 -13.65 -0.62
C GLN A 82 12.26 -13.31 -0.34
N GLY A 83 11.37 -13.41 -1.32
CA GLY A 83 9.94 -13.20 -1.15
C GLY A 83 9.44 -11.95 -1.88
N TRP A 84 8.16 -11.67 -1.71
CA TRP A 84 7.58 -10.57 -2.45
C TRP A 84 7.93 -9.24 -1.82
N ARG A 85 8.20 -8.23 -2.67
CA ARG A 85 8.47 -6.88 -2.22
C ARG A 85 7.56 -5.87 -2.90
N LEU A 86 6.88 -4.99 -2.12
CA LEU A 86 5.98 -4.01 -2.70
C LEU A 86 6.71 -3.07 -3.64
N CYS A 87 6.05 -2.72 -4.73
CA CYS A 87 6.47 -1.70 -5.70
C CYS A 87 5.54 -0.51 -5.52
N PRO A 88 5.94 0.51 -4.79
CA PRO A 88 4.96 1.53 -4.34
C PRO A 88 4.38 2.33 -5.47
N PHE A 89 3.15 2.78 -5.23
CA PHE A 89 2.44 3.63 -6.15
C PHE A 89 2.86 5.09 -6.02
N HIS A 90 3.01 5.73 -7.17
CA HIS A 90 3.37 7.12 -7.29
C HIS A 90 2.53 7.83 -8.34
N LYS A 91 2.17 9.08 -8.03
CA LYS A 91 1.41 9.94 -8.93
C LYS A 91 2.23 11.19 -9.12
N PRO A 92 2.93 11.36 -10.22
CA PRO A 92 3.73 12.56 -10.48
C PRO A 92 2.86 13.81 -10.61
N ALA B 1 5.65 27.93 -5.67
CA ALA B 1 5.94 27.25 -4.37
C ALA B 1 4.94 26.10 -4.03
N ALA B 2 5.44 24.96 -3.56
CA ALA B 2 4.60 23.94 -2.98
C ALA B 2 5.10 23.70 -1.56
N MET B 3 4.25 23.13 -0.73
CA MET B 3 4.63 22.72 0.60
C MET B 3 4.42 21.23 0.72
N ALA B 4 5.46 20.49 1.12
CA ALA B 4 5.33 19.05 1.34
C ALA B 4 4.32 18.78 2.45
N ASP B 5 3.34 17.92 2.17
CA ASP B 5 2.37 17.66 3.24
C ASP B 5 1.65 16.34 3.01
N PRO B 6 2.36 15.22 2.99
CA PRO B 6 1.71 13.92 2.70
C PRO B 6 0.77 13.49 3.82
N TYR B 7 -0.17 12.60 3.48
CA TYR B 7 -1.16 12.19 4.47
C TYR B 7 -1.71 10.81 4.10
N PHE B 8 -2.32 10.17 5.06
CA PHE B 8 -3.11 8.94 4.84
C PHE B 8 -4.58 9.33 4.93
N GLU B 9 -5.37 8.87 3.98
CA GLU B 9 -6.79 9.23 3.91
C GLU B 9 -7.67 8.11 4.41
N CYS B 10 -8.23 8.30 5.59
CA CYS B 10 -9.27 7.40 6.10
C CYS B 10 -10.63 7.90 5.68
N SER B 11 -11.65 7.08 5.91
CA SER B 11 -12.96 7.40 5.38
C SER B 11 -13.50 8.70 6.01
N MET B 12 -14.46 9.31 5.32
CA MET B 12 -15.04 10.61 5.69
C MET B 12 -14.02 11.76 5.63
N ASN B 13 -13.09 11.64 4.71
CA ASN B 13 -12.05 12.63 4.49
C ASN B 13 -11.32 12.88 5.80
N THR B 14 -10.96 11.80 6.48
CA THR B 14 -10.23 11.90 7.75
C THR B 14 -8.74 11.77 7.45
N ALA B 15 -8.06 12.89 7.31
CA ALA B 15 -6.67 12.84 6.88
C ALA B 15 -5.77 12.79 8.10
N VAL B 16 -4.91 11.77 8.16
CA VAL B 16 -3.91 11.62 9.21
C VAL B 16 -2.60 12.06 8.58
N SER B 17 -2.02 13.14 9.08
CA SER B 17 -0.86 13.67 8.36
C SER B 17 0.39 12.86 8.62
N PHE B 18 1.18 12.69 7.57
CA PHE B 18 2.47 12.04 7.68
C PHE B 18 3.38 12.80 8.63
N SER B 19 3.36 14.12 8.54
CA SER B 19 4.17 14.94 9.43
C SER B 19 3.74 14.75 10.87
N GLY B 20 2.44 14.63 11.11
CA GLY B 20 1.97 14.39 12.46
C GLY B 20 2.46 13.07 13.00
N ILE B 21 2.54 12.07 12.12
CA ILE B 21 3.05 10.75 12.51
C ILE B 21 4.52 10.85 12.92
N ILE B 22 5.31 11.62 12.17
CA ILE B 22 6.72 11.80 12.53
C ILE B 22 6.87 12.42 13.91
N PHE B 23 6.07 13.47 14.21
CA PHE B 23 6.10 14.05 15.55
C PHE B 23 5.68 13.01 16.62
N TYR B 24 4.63 12.23 16.33
CA TYR B 24 4.16 11.26 17.30
C TYR B 24 5.23 10.23 17.63
N GLU B 25 5.91 9.75 16.60
CA GLU B 25 6.94 8.72 16.77
C GLU B 25 8.09 9.21 17.62
N GLN B 26 8.28 10.54 17.66
CA GLN B 26 9.41 11.06 18.44
C GLN B 26 9.24 10.86 19.95
N SER B 27 8.00 10.72 20.45
CA SER B 27 7.72 10.54 21.87
C SER B 27 6.93 9.28 22.21
N HIS B 28 6.58 8.46 21.23
CA HIS B 28 5.83 7.22 21.46
C HIS B 28 6.52 6.10 20.71
N GLU B 29 6.78 5.00 21.40
CA GLU B 29 7.39 3.87 20.73
C GLU B 29 6.34 3.01 20.05
N TYR B 30 6.73 2.38 18.93
CA TYR B 30 5.91 1.34 18.32
C TYR B 30 5.90 0.10 19.26
N LEU B 31 4.76 -0.59 19.30
CA LEU B 31 4.52 -1.69 20.22
C LEU B 31 4.29 -2.97 19.45
N ASP B 32 4.34 -4.07 20.17
CA ASP B 32 4.15 -5.34 19.51
C ASP B 32 2.78 -5.37 18.83
N ALA B 33 2.74 -6.05 17.71
CA ALA B 33 1.48 -6.29 17.02
C ALA B 33 0.47 -7.00 17.94
N GLU B 34 -0.74 -6.72 17.72
CA GLU B 34 -1.85 -7.40 18.38
C GLU B 34 -2.49 -8.41 17.45
N PRO B 35 -3.07 -9.49 17.99
CA PRO B 35 -3.66 -10.49 17.12
C PRO B 35 -4.67 -9.85 16.17
N GLY B 36 -4.65 -10.31 14.93
CA GLY B 36 -5.52 -9.83 13.87
C GLY B 36 -5.01 -8.60 13.13
N ASP B 37 -3.90 -8.01 13.54
CA ASP B 37 -3.33 -6.89 12.79
C ASP B 37 -2.90 -7.37 11.42
N PRO B 38 -2.98 -6.50 10.40
CA PRO B 38 -2.56 -6.88 9.04
C PRO B 38 -1.10 -7.31 8.97
N GLU B 39 -0.86 -8.46 8.33
CA GLU B 39 0.49 -8.96 8.14
C GLU B 39 1.11 -8.43 6.84
N GLY B 40 2.44 -8.59 6.71
CA GLY B 40 3.16 -8.22 5.50
C GLY B 40 2.96 -9.24 4.38
N PRO B 41 3.53 -8.95 3.21
CA PRO B 41 3.19 -9.80 2.02
C PRO B 41 3.77 -11.19 2.08
N ASN B 42 4.77 -11.42 2.95
CA ASN B 42 5.38 -12.71 3.22
C ASN B 42 5.08 -13.19 4.63
N GLY B 43 4.05 -12.64 5.27
CA GLY B 43 3.72 -13.03 6.63
C GLY B 43 4.43 -12.22 7.70
N GLU B 44 5.06 -11.11 7.35
CA GLU B 44 5.77 -10.32 8.33
C GLU B 44 4.81 -9.82 9.40
N ILE B 45 5.28 -9.77 10.65
CA ILE B 45 4.52 -9.19 11.75
C ILE B 45 5.16 -7.84 12.07
N TYR B 46 4.36 -6.74 12.06
CA TYR B 46 4.90 -5.40 12.18
C TYR B 46 4.61 -4.74 13.52
N PRO B 47 5.56 -3.97 14.05
CA PRO B 47 5.22 -3.13 15.21
C PRO B 47 4.22 -2.05 14.80
N ALA B 48 3.45 -1.58 15.78
CA ALA B 48 2.34 -0.69 15.48
C ALA B 48 1.91 0.13 16.68
N ARG B 49 1.17 1.20 16.39
CA ARG B 49 0.44 1.96 17.41
C ARG B 49 -0.97 2.19 16.93
N ARG B 50 -1.91 2.26 17.86
CA ARG B 50 -3.32 2.47 17.51
C ARG B 50 -3.86 3.58 18.39
N PHE B 51 -4.82 4.30 17.87
CA PHE B 51 -5.38 5.43 18.62
C PHE B 51 -6.76 5.74 18.07
N THR B 52 -7.53 6.52 18.84
CA THR B 52 -8.88 6.92 18.44
C THR B 52 -8.82 8.33 17.91
N ARG B 53 -9.53 8.53 16.82
CA ARG B 53 -9.60 9.84 16.21
C ARG B 53 -11.03 10.18 16.07
N VAL B 54 -11.29 11.36 16.05
CA VAL B 54 -12.62 11.64 15.95
C VAL B 54 -12.87 12.66 14.90
N ARG B 55 -13.88 12.49 14.10
CA ARG B 55 -14.10 12.72 12.70
C ARG B 55 -15.07 13.89 12.60
N ARG B 56 -15.27 14.35 11.38
CA ARG B 56 -15.98 15.60 11.19
C ARG B 56 -17.45 15.50 11.61
N ASP B 57 -18.07 14.32 11.54
CA ASP B 57 -19.45 14.18 11.98
C ASP B 57 -19.56 13.91 13.47
N GLY B 58 -18.45 13.89 14.20
CA GLY B 58 -18.45 13.66 15.63
C GLY B 58 -18.23 12.21 16.06
N SER B 59 -18.27 11.28 15.12
CA SER B 59 -18.02 9.89 15.42
C SER B 59 -16.52 9.63 15.62
N ASP B 60 -16.24 8.48 16.23
CA ASP B 60 -14.89 8.02 16.56
C ASP B 60 -14.51 6.91 15.59
N VAL B 61 -13.21 6.84 15.29
CA VAL B 61 -12.65 5.76 14.48
C VAL B 61 -11.33 5.32 15.12
N LEU B 62 -11.05 4.02 15.04
CA LEU B 62 -9.80 3.48 15.56
C LEU B 62 -8.84 3.36 14.38
N ILE B 63 -7.65 3.99 14.50
CA ILE B 63 -6.67 4.04 13.46
C ILE B 63 -5.43 3.27 13.92
N LEU B 64 -4.92 2.42 13.02
CA LEU B 64 -3.71 1.63 13.26
C LEU B 64 -2.60 2.16 12.36
N ILE B 65 -1.44 2.47 12.94
CA ILE B 65 -0.26 2.85 12.17
C ILE B 65 0.79 1.78 12.37
N GLN B 66 1.22 1.17 11.28
CA GLN B 66 2.25 0.14 11.30
C GLN B 66 3.56 0.73 10.78
N SER B 67 4.67 0.25 11.38
CA SER B 67 6.02 0.60 11.01
C SER B 67 6.59 -0.50 10.13
N LEU B 68 7.03 -0.18 8.91
CA LEU B 68 7.51 -1.26 8.04
C LEU B 68 8.48 -0.71 7.00
N ASP B 69 9.19 -1.62 6.33
CA ASP B 69 10.24 -1.26 5.38
C ASP B 69 9.71 -0.84 4.01
N GLU B 70 8.40 -0.87 3.78
CA GLU B 70 7.84 -0.37 2.53
C GLU B 70 7.78 1.15 2.60
N TYR B 71 8.24 1.83 1.53
CA TYR B 71 8.01 3.27 1.43
C TYR B 71 6.53 3.53 1.64
N PRO B 72 6.14 4.53 2.43
CA PRO B 72 6.94 5.57 3.06
C PRO B 72 7.36 5.27 4.52
N LEU B 73 7.51 4.01 4.87
CA LEU B 73 7.98 3.44 6.14
C LEU B 73 6.87 3.39 7.21
N ARG B 74 5.63 3.79 6.88
CA ARG B 74 4.42 3.63 7.68
C ARG B 74 3.28 3.27 6.77
N ARG B 75 2.30 2.55 7.31
CA ARG B 75 1.02 2.42 6.59
C ARG B 75 -0.09 2.52 7.61
N ALA B 76 -1.28 2.88 7.19
CA ALA B 76 -2.38 3.17 8.12
C ALA B 76 -3.61 2.39 7.73
N TYR B 77 -4.38 1.94 8.74
CA TYR B 77 -5.64 1.21 8.57
C TYR B 77 -6.68 1.84 9.50
N GLU B 78 -7.95 1.75 9.13
CA GLU B 78 -9.02 2.08 10.09
C GLU B 78 -9.78 0.81 10.37
N LYS B 79 -10.25 0.65 11.60
CA LYS B 79 -11.07 -0.51 11.93
C LYS B 79 -12.50 -0.29 11.48
N THR B 80 -13.09 -1.28 10.82
CA THR B 80 -14.48 -1.24 10.45
C THR B 80 -15.12 -2.54 10.94
N GLU B 81 -16.44 -2.62 10.81
CA GLU B 81 -17.12 -3.84 11.27
C GLU B 81 -16.75 -5.03 10.42
N GLN B 82 -16.24 -4.79 9.22
CA GLN B 82 -15.82 -5.83 8.30
C GLN B 82 -14.33 -6.00 8.31
N GLY B 83 -13.65 -5.45 9.31
CA GLY B 83 -12.22 -5.65 9.37
C GLY B 83 -11.42 -4.38 9.07
N TRP B 84 -10.11 -4.55 8.97
CA TRP B 84 -9.26 -3.38 8.75
C TRP B 84 -9.38 -2.92 7.30
N ARG B 85 -9.38 -1.63 7.05
CA ARG B 85 -9.49 -1.09 5.69
C ARG B 85 -8.32 -0.11 5.50
N LEU B 86 -7.55 -0.20 4.40
CA LEU B 86 -6.42 0.71 4.25
C LEU B 86 -6.84 2.18 4.15
N CYS B 87 -6.04 3.08 4.74
CA CYS B 87 -6.14 4.53 4.57
C CYS B 87 -5.02 4.92 3.59
N PRO B 88 -5.30 5.08 2.29
CA PRO B 88 -4.20 5.19 1.32
C PRO B 88 -3.36 6.44 1.51
N PHE B 89 -2.09 6.33 1.11
CA PHE B 89 -1.12 7.43 1.17
C PHE B 89 -1.24 8.35 -0.04
N HIS B 90 -1.16 9.63 0.24
CA HIS B 90 -1.27 10.68 -0.74
C HIS B 90 -0.18 11.71 -0.54
N LYS B 91 0.43 12.16 -1.65
CA LYS B 91 1.39 13.26 -1.57
C LYS B 91 0.92 14.39 -2.46
N PRO B 92 0.28 15.39 -1.90
CA PRO B 92 -0.24 16.47 -2.75
C PRO B 92 0.86 17.26 -3.46
#